data_8TAY
#
_entry.id   8TAY
#
_cell.length_a   44.120
_cell.length_b   51.574
_cell.length_c   79.530
_cell.angle_alpha   90.00
_cell.angle_beta   92.39
_cell.angle_gamma   90.00
#
_symmetry.space_group_name_H-M   'P 1 21 1'
#
loop_
_entity.id
_entity.type
_entity.pdbx_description
1 polymer 'Cytochrome P450'
2 non-polymer '4-(thiophen-3-yl)benzoic acid'
3 non-polymer 'PROTOPORPHYRIN IX CONTAINING FE'
4 non-polymer 'CHLORIDE ION'
5 water water
#
_entity_poly.entity_id   1
_entity_poly.type   'polypeptide(L)'
_entity_poly.pdbx_seq_one_letter_code
;MISNSSAESISAPPNDSTIPHLAIDPFSLDFFDDPYPDQQTLRDAGPVVYLDKWNVYGVARYAEVHAVLNDPTTFCSSRG
VGLSDFKKEKPWRPPSLILEADPPAHTRPRAVLSKVLSPATMKTIRDGFAAAADAKVDELLQRGCIDAIADLAEAYPLSV
FPDAMGLKQEGREHLLPYAGLVFNAFGPPNELRQTAIERSAPHQAYVNEQCQRPNLAPGGFGACIHAFTDTGEITPDEAP
LLVRSLLSAGLDETVNGIGAAVYCLARFPGELQRLRSDPTLARNAFEEAVRFESPVQTFFRTTTREVELGGAVIGEGEKV
LMFLGSANRDPRRWSDPDLYDITRKTSGHVGFGSGVHMCVGQLVARLEGEVMLSALARKVAAIDIDGPVKRRFNNTLRGL
ESLPVKLTPA
;
_entity_poly.pdbx_strand_id   A
#
# COMPACT_ATOMS: atom_id res chain seq x y z
N THR A 18 25.20 -21.91 6.16
CA THR A 18 24.05 -22.11 7.03
C THR A 18 22.81 -21.37 6.51
N ILE A 19 23.02 -20.45 5.59
CA ILE A 19 21.95 -19.64 4.99
C ILE A 19 21.84 -20.06 3.52
N PRO A 20 20.68 -20.48 3.05
CA PRO A 20 20.56 -20.84 1.62
C PRO A 20 20.67 -19.60 0.74
N HIS A 21 21.45 -19.72 -0.32
CA HIS A 21 21.63 -18.66 -1.31
C HIS A 21 20.74 -18.97 -2.51
N LEU A 22 19.83 -18.07 -2.83
CA LEU A 22 18.89 -18.27 -3.92
C LEU A 22 19.12 -17.25 -5.02
N ALA A 23 18.90 -17.68 -6.26
CA ALA A 23 19.07 -16.81 -7.43
C ALA A 23 17.78 -16.12 -7.84
N ILE A 24 16.69 -16.30 -7.09
CA ILE A 24 15.42 -15.68 -7.46
C ILE A 24 15.53 -14.17 -7.39
N ASP A 25 15.12 -13.49 -8.46
CA ASP A 25 15.02 -12.03 -8.48
C ASP A 25 13.59 -11.61 -8.18
N PRO A 26 13.28 -11.17 -6.96
CA PRO A 26 11.90 -10.76 -6.63
C PRO A 26 11.46 -9.47 -7.31
N PHE A 27 12.33 -8.82 -8.07
CA PHE A 27 11.98 -7.60 -8.79
C PHE A 27 12.00 -7.79 -10.30
N SER A 28 11.92 -9.04 -10.76
CA SER A 28 11.86 -9.33 -12.18
C SER A 28 10.41 -9.48 -12.62
N LEU A 29 10.17 -9.25 -13.92
CA LEU A 29 8.81 -9.36 -14.44
C LEU A 29 8.28 -10.79 -14.35
N ASP A 30 9.17 -11.78 -14.53
CA ASP A 30 8.78 -13.16 -14.31
C ASP A 30 8.21 -13.35 -12.91
N PHE A 31 8.88 -12.80 -11.89
CA PHE A 31 8.38 -12.88 -10.52
C PHE A 31 7.08 -12.11 -10.36
N PHE A 32 7.00 -10.90 -10.91
CA PHE A 32 5.75 -10.14 -10.78
C PHE A 32 4.58 -10.88 -11.41
N ASP A 33 4.83 -11.60 -12.51
CA ASP A 33 3.75 -12.28 -13.22
C ASP A 33 3.08 -13.32 -12.34
N ASP A 34 3.87 -14.12 -11.62
CA ASP A 34 3.32 -15.13 -10.71
C ASP A 34 4.31 -15.34 -9.59
N PRO A 35 4.15 -14.61 -8.47
CA PRO A 35 5.14 -14.70 -7.39
C PRO A 35 4.89 -15.81 -6.40
N TYR A 36 3.73 -16.45 -6.44
CA TYR A 36 3.33 -17.37 -5.37
C TYR A 36 4.17 -18.64 -5.35
N PRO A 37 4.49 -19.27 -6.48
CA PRO A 37 5.41 -20.43 -6.40
C PRO A 37 6.79 -20.05 -5.87
N ASP A 38 7.34 -18.92 -6.32
CA ASP A 38 8.67 -18.53 -5.82
C ASP A 38 8.62 -18.13 -4.36
N GLN A 39 7.47 -17.63 -3.89
CA GLN A 39 7.33 -17.26 -2.48
C GLN A 39 7.35 -18.50 -1.59
N GLN A 40 6.74 -19.60 -2.03
CA GLN A 40 6.84 -20.83 -1.26
C GLN A 40 8.27 -21.34 -1.23
N THR A 41 8.96 -21.29 -2.37
CA THR A 41 10.39 -21.64 -2.43
C THR A 41 11.20 -20.81 -1.43
N LEU A 42 10.89 -19.51 -1.31
CA LEU A 42 11.58 -18.67 -0.35
C LEU A 42 11.23 -19.04 1.08
N ARG A 43 9.94 -19.32 1.35
CA ARG A 43 9.53 -19.71 2.70
C ARG A 43 10.11 -21.05 3.09
N ASP A 44 10.13 -22.00 2.15
CA ASP A 44 10.53 -23.37 2.47
C ASP A 44 12.04 -23.57 2.46
N ALA A 45 12.79 -22.62 1.91
CA ALA A 45 14.24 -22.76 1.93
C ALA A 45 14.79 -22.55 3.34
N GLY A 46 14.10 -21.76 4.15
CA GLY A 46 14.52 -21.49 5.50
C GLY A 46 13.89 -20.21 6.03
N PRO A 47 14.06 -19.95 7.33
CA PRO A 47 13.54 -18.70 7.88
C PRO A 47 14.28 -17.47 7.37
N VAL A 48 15.56 -17.57 7.06
CA VAL A 48 16.32 -16.46 6.49
C VAL A 48 17.06 -16.97 5.26
N VAL A 49 16.88 -16.28 4.13
CA VAL A 49 17.59 -16.62 2.90
C VAL A 49 18.51 -15.45 2.53
N TYR A 50 19.39 -15.72 1.57
CA TYR A 50 20.22 -14.69 0.96
C TYR A 50 19.96 -14.67 -0.54
N LEU A 51 19.67 -13.49 -1.08
CA LEU A 51 19.38 -13.31 -2.49
C LEU A 51 20.64 -12.81 -3.19
N ASP A 52 21.34 -13.71 -3.89
CA ASP A 52 22.57 -13.36 -4.58
C ASP A 52 22.37 -12.31 -5.66
N LYS A 53 21.14 -12.11 -6.14
CA LYS A 53 20.92 -11.17 -7.23
C LYS A 53 21.20 -9.74 -6.80
N TRP A 54 20.85 -9.40 -5.55
CA TRP A 54 20.98 -8.03 -5.05
C TRP A 54 21.79 -7.94 -3.77
N ASN A 55 22.32 -9.06 -3.29
CA ASN A 55 23.15 -9.09 -2.07
C ASN A 55 22.37 -8.53 -0.88
N VAL A 56 21.22 -9.16 -0.61
CA VAL A 56 20.37 -8.80 0.51
C VAL A 56 19.89 -10.08 1.18
N TYR A 57 19.51 -9.94 2.44
CA TYR A 57 18.85 -11.01 3.16
C TYR A 57 17.35 -10.94 2.92
N GLY A 58 16.71 -12.10 2.89
CA GLY A 58 15.28 -12.17 2.68
C GLY A 58 14.58 -12.99 3.74
N VAL A 59 13.38 -12.55 4.13
CA VAL A 59 12.51 -13.26 5.05
C VAL A 59 11.11 -13.29 4.45
N ALA A 60 10.57 -14.50 4.23
CA ALA A 60 9.26 -14.66 3.62
C ALA A 60 8.23 -15.35 4.50
N ARG A 61 8.62 -15.89 5.65
CA ARG A 61 7.66 -16.48 6.58
C ARG A 61 7.07 -15.40 7.49
N TYR A 62 5.83 -15.64 7.93
CA TYR A 62 5.11 -14.68 8.74
C TYR A 62 5.86 -14.36 10.03
N ALA A 63 6.41 -15.39 10.70
CA ALA A 63 7.05 -15.16 12.00
C ALA A 63 8.24 -14.23 11.87
N GLU A 64 9.06 -14.39 10.82
CA GLU A 64 10.24 -13.54 10.71
C GLU A 64 9.90 -12.14 10.23
N VAL A 65 8.93 -12.01 9.32
CA VAL A 65 8.48 -10.70 8.88
C VAL A 65 7.94 -9.90 10.05
N HIS A 66 7.07 -10.53 10.86
CA HIS A 66 6.51 -9.85 12.02
C HIS A 66 7.59 -9.49 13.04
N ALA A 67 8.57 -10.38 13.22
CA ALA A 67 9.66 -10.09 14.17
C ALA A 67 10.46 -8.88 13.73
N VAL A 68 10.79 -8.78 12.44
CA VAL A 68 11.59 -7.66 11.95
C VAL A 68 10.82 -6.36 12.06
N LEU A 69 9.55 -6.37 11.67
CA LEU A 69 8.74 -5.15 11.71
C LEU A 69 8.61 -4.61 13.12
N ASN A 70 8.68 -5.48 14.13
CA ASN A 70 8.45 -5.09 15.51
C ASN A 70 9.71 -4.91 16.30
N ASP A 71 10.87 -4.86 15.63
CA ASP A 71 12.15 -4.53 16.25
C ASP A 71 12.77 -3.39 15.45
N PRO A 72 12.23 -2.16 15.59
CA PRO A 72 12.76 -1.05 14.79
C PRO A 72 14.15 -0.62 15.18
N THR A 73 14.61 -0.94 16.40
CA THR A 73 15.96 -0.56 16.82
C THR A 73 17.01 -1.36 16.04
N THR A 74 16.81 -2.68 15.94
CA THR A 74 17.75 -3.54 15.24
C THR A 74 17.59 -3.41 13.73
N PHE A 75 16.34 -3.37 13.25
CA PHE A 75 16.03 -3.27 11.82
C PHE A 75 15.43 -1.87 11.58
N CYS A 76 16.31 -0.91 11.31
CA CYS A 76 15.92 0.50 11.25
C CYS A 76 15.38 0.87 9.88
N SER A 77 14.68 2.01 9.83
CA SER A 77 14.17 2.57 8.59
C SER A 77 14.88 3.83 8.14
N SER A 78 15.70 4.45 9.01
CA SER A 78 16.37 5.71 8.64
C SER A 78 17.38 5.52 7.53
N ARG A 79 17.92 4.32 7.35
CA ARG A 79 18.82 4.06 6.24
C ARG A 79 18.06 3.66 4.98
N GLY A 80 16.77 3.97 4.90
CA GLY A 80 15.96 3.72 3.72
C GLY A 80 15.25 2.38 3.79
N VAL A 81 14.00 2.34 3.32
CA VAL A 81 13.23 1.10 3.25
C VAL A 81 13.19 0.53 1.83
N GLY A 82 13.96 1.11 0.91
CA GLY A 82 14.24 0.49 -0.37
C GLY A 82 15.57 -0.25 -0.34
N LEU A 83 15.99 -0.71 -1.52
CA LEU A 83 17.26 -1.42 -1.59
C LEU A 83 18.42 -0.50 -1.22
N SER A 84 18.36 0.75 -1.65
CA SER A 84 19.45 1.70 -1.46
C SER A 84 19.70 2.01 0.01
N ASP A 85 20.97 1.96 0.42
CA ASP A 85 21.39 2.29 1.79
C ASP A 85 21.77 3.77 1.83
N PHE A 86 21.02 4.54 2.62
CA PHE A 86 21.24 5.99 2.67
C PHE A 86 22.60 6.35 3.25
N LYS A 87 23.22 5.42 4.00
CA LYS A 87 24.58 5.65 4.46
C LYS A 87 25.60 5.49 3.33
N LYS A 88 25.21 4.91 2.20
CA LYS A 88 26.10 4.64 1.08
C LYS A 88 25.78 5.45 -0.17
N GLU A 89 24.50 5.68 -0.46
CA GLU A 89 24.04 6.40 -1.64
C GLU A 89 23.13 7.54 -1.22
N LYS A 90 22.97 8.51 -2.12
CA LYS A 90 22.09 9.62 -1.81
C LYS A 90 20.64 9.25 -2.16
N PRO A 91 19.67 9.57 -1.29
CA PRO A 91 18.27 9.29 -1.64
C PRO A 91 17.86 10.06 -2.88
N TRP A 92 16.98 9.44 -3.68
CA TRP A 92 16.51 10.09 -4.90
C TRP A 92 15.62 11.29 -4.62
N ARG A 93 15.14 11.43 -3.39
CA ARG A 93 14.39 12.60 -2.93
C ARG A 93 14.65 12.76 -1.45
N PRO A 94 14.49 13.97 -0.92
CA PRO A 94 14.66 14.19 0.53
C PRO A 94 13.87 13.18 1.33
N PRO A 95 14.49 12.52 2.32
CA PRO A 95 13.82 11.42 3.01
C PRO A 95 12.52 11.86 3.66
N SER A 96 11.53 10.98 3.62
CA SER A 96 10.27 11.21 4.31
C SER A 96 10.51 11.36 5.81
N LEU A 97 9.73 12.24 6.44
CA LEU A 97 9.91 12.48 7.86
C LEU A 97 9.33 11.39 8.74
N ILE A 98 8.57 10.43 8.16
CA ILE A 98 7.90 9.43 8.99
C ILE A 98 8.28 8.03 8.57
N LEU A 99 8.22 7.73 7.26
CA LEU A 99 8.55 6.38 6.80
C LEU A 99 10.02 6.08 6.94
N GLU A 100 10.87 7.04 6.57
CA GLU A 100 12.32 6.88 6.57
C GLU A 100 12.94 7.54 7.79
N ALA A 101 12.29 7.41 8.94
CA ALA A 101 12.80 7.93 10.19
C ALA A 101 12.61 6.88 11.28
N ASP A 102 13.49 6.91 12.27
CA ASP A 102 13.43 6.03 13.42
C ASP A 102 13.01 6.81 14.66
N PRO A 103 12.52 6.13 15.70
CA PRO A 103 12.31 6.79 16.99
C PRO A 103 13.64 7.29 17.55
N PRO A 104 13.66 8.45 18.22
CA PRO A 104 12.50 9.28 18.54
C PRO A 104 12.16 10.31 17.46
N ALA A 105 13.00 10.43 16.42
CA ALA A 105 12.71 11.40 15.37
C ALA A 105 11.38 11.11 14.67
N HIS A 106 11.01 9.83 14.57
CA HIS A 106 9.77 9.44 13.91
C HIS A 106 8.53 9.79 14.73
N THR A 107 8.65 9.84 16.05
CA THR A 107 7.50 9.83 16.96
C THR A 107 6.57 11.03 16.74
N ARG A 108 7.12 12.25 16.76
CA ARG A 108 6.27 13.43 16.73
C ARG A 108 5.64 13.67 15.36
N PRO A 109 6.35 13.46 14.25
CA PRO A 109 5.65 13.48 12.95
C PRO A 109 4.59 12.39 12.83
N ARG A 110 4.84 11.20 13.38
CA ARG A 110 3.84 10.14 13.34
C ARG A 110 2.59 10.54 14.12
N ALA A 111 2.76 11.22 15.25
CA ALA A 111 1.63 11.63 16.06
C ALA A 111 0.77 12.66 15.34
N VAL A 112 1.38 13.55 14.57
CA VAL A 112 0.61 14.51 13.80
C VAL A 112 -0.24 13.81 12.75
N LEU A 113 0.38 12.91 11.97
CA LEU A 113 -0.40 12.21 10.95
C LEU A 113 -1.47 11.32 11.57
N SER A 114 -1.20 10.78 12.76
CA SER A 114 -2.20 9.98 13.46
C SER A 114 -3.41 10.82 13.87
N LYS A 115 -3.18 12.09 14.24
CA LYS A 115 -4.31 12.95 14.61
C LYS A 115 -5.01 13.49 13.37
N VAL A 116 -4.26 13.80 12.31
CA VAL A 116 -4.85 14.29 11.07
C VAL A 116 -5.75 13.21 10.45
N LEU A 117 -5.33 11.95 10.52
CA LEU A 117 -6.10 10.84 9.97
C LEU A 117 -6.74 10.01 11.07
N SER A 118 -7.34 10.68 12.05
CA SER A 118 -7.77 10.03 13.28
C SER A 118 -9.13 9.35 13.11
N PRO A 119 -9.52 8.50 14.06
CA PRO A 119 -10.91 8.02 14.08
C PRO A 119 -11.92 9.16 14.10
N ALA A 120 -11.62 10.25 14.80
CA ALA A 120 -12.52 11.40 14.80
C ALA A 120 -12.59 12.07 13.44
N THR A 121 -11.47 12.13 12.72
CA THR A 121 -11.48 12.74 11.39
C THR A 121 -12.35 11.93 10.43
N MET A 122 -12.32 10.61 10.55
CA MET A 122 -13.11 9.75 9.68
C MET A 122 -14.59 10.11 9.71
N LYS A 123 -15.11 10.52 10.88
CA LYS A 123 -16.52 10.90 10.98
C LYS A 123 -16.87 12.06 10.06
N THR A 124 -15.95 13.01 9.88
CA THR A 124 -16.21 14.18 9.05
C THR A 124 -16.22 13.87 7.56
N ILE A 125 -15.66 12.74 7.14
CA ILE A 125 -15.53 12.44 5.72
C ILE A 125 -16.32 11.20 5.29
N ARG A 126 -16.87 10.41 6.23
CA ARG A 126 -17.48 9.14 5.86
C ARG A 126 -18.70 9.33 4.94
N ASP A 127 -19.58 10.28 5.27
CA ASP A 127 -20.80 10.42 4.47
C ASP A 127 -20.48 10.84 3.04
N GLY A 128 -19.50 11.73 2.86
CA GLY A 128 -19.13 12.13 1.51
C GLY A 128 -18.43 11.03 0.73
N PHE A 129 -17.59 10.24 1.43
CA PHE A 129 -16.96 9.11 0.76
C PHE A 129 -17.99 8.06 0.36
N ALA A 130 -18.94 7.77 1.24
CA ALA A 130 -19.95 6.75 0.93
C ALA A 130 -20.85 7.21 -0.22
N ALA A 131 -21.19 8.50 -0.27
CA ALA A 131 -22.03 9.02 -1.34
C ALA A 131 -21.34 8.91 -2.70
N ALA A 132 -20.06 9.27 -2.77
CA ALA A 132 -19.35 9.18 -4.04
C ALA A 132 -19.19 7.73 -4.48
N ALA A 133 -19.05 6.81 -3.53
CA ALA A 133 -18.97 5.39 -3.87
C ALA A 133 -20.29 4.90 -4.45
N ASP A 134 -21.41 5.20 -3.78
CA ASP A 134 -22.71 4.82 -4.31
C ASP A 134 -22.95 5.43 -5.69
N ALA A 135 -22.51 6.69 -5.88
CA ALA A 135 -22.74 7.38 -7.15
C ALA A 135 -21.92 6.75 -8.28
N LYS A 136 -20.69 6.33 -7.97
CA LYS A 136 -19.85 5.70 -8.98
C LYS A 136 -20.43 4.34 -9.40
N VAL A 137 -20.89 3.53 -8.44
CA VAL A 137 -21.46 2.24 -8.79
C VAL A 137 -22.69 2.43 -9.67
N ASP A 138 -23.55 3.40 -9.33
CA ASP A 138 -24.72 3.69 -10.16
C ASP A 138 -24.29 4.11 -11.57
N GLU A 139 -23.24 4.93 -11.67
CA GLU A 139 -22.74 5.36 -12.96
C GLU A 139 -22.25 4.19 -13.79
N LEU A 140 -21.48 3.29 -13.16
CA LEU A 140 -20.95 2.14 -13.89
C LEU A 140 -22.03 1.15 -14.27
N LEU A 141 -23.06 0.99 -13.43
CA LEU A 141 -24.18 0.13 -13.78
C LEU A 141 -24.89 0.62 -15.03
N GLN A 142 -24.88 1.94 -15.28
CA GLN A 142 -25.47 2.47 -16.51
C GLN A 142 -24.67 2.07 -17.73
N ARG A 143 -23.37 1.80 -17.58
CA ARG A 143 -22.52 1.39 -18.69
C ARG A 143 -22.44 -0.11 -18.86
N GLY A 144 -22.58 -0.88 -17.78
CA GLY A 144 -22.57 -2.33 -17.85
C GLY A 144 -21.19 -2.93 -17.95
N CYS A 145 -20.58 -2.85 -19.13
CA CYS A 145 -19.23 -3.34 -19.34
C CYS A 145 -18.24 -2.19 -19.07
N ILE A 146 -17.43 -2.35 -18.03
CA ILE A 146 -16.50 -1.34 -17.58
C ILE A 146 -15.14 -1.98 -17.33
N ASP A 147 -14.13 -1.13 -17.15
CA ASP A 147 -12.80 -1.56 -16.73
C ASP A 147 -12.68 -1.28 -15.23
N ALA A 148 -12.74 -2.34 -14.43
CA ALA A 148 -12.79 -2.16 -12.98
C ALA A 148 -11.55 -1.49 -12.41
N ILE A 149 -10.47 -1.35 -13.19
CA ILE A 149 -9.31 -0.62 -12.72
C ILE A 149 -9.52 0.86 -13.00
N ALA A 150 -9.43 1.24 -14.28
CA ALA A 150 -9.51 2.65 -14.65
C ALA A 150 -10.83 3.28 -14.22
N ASP A 151 -11.94 2.57 -14.40
CA ASP A 151 -13.25 3.18 -14.18
C ASP A 151 -13.74 3.04 -12.75
N LEU A 152 -13.05 2.29 -11.90
CA LEU A 152 -13.57 1.98 -10.57
C LEU A 152 -12.47 2.05 -9.52
N ALA A 153 -11.51 1.11 -9.59
CA ALA A 153 -10.43 1.07 -8.62
C ALA A 153 -9.64 2.37 -8.61
N GLU A 154 -9.37 2.94 -9.78
CA GLU A 154 -8.68 4.23 -9.91
C GLU A 154 -9.63 5.40 -9.78
N ALA A 155 -10.80 5.34 -10.43
CA ALA A 155 -11.68 6.50 -10.49
C ALA A 155 -12.18 6.90 -9.11
N TYR A 156 -12.55 5.93 -8.27
CA TYR A 156 -13.18 6.30 -7.00
C TYR A 156 -12.21 7.01 -6.06
N PRO A 157 -11.02 6.48 -5.75
CA PRO A 157 -10.11 7.22 -4.86
C PRO A 157 -9.73 8.59 -5.39
N LEU A 158 -9.62 8.75 -6.72
CA LEU A 158 -9.34 10.06 -7.28
C LEU A 158 -10.51 11.03 -7.08
N SER A 159 -11.73 10.53 -6.89
CA SER A 159 -12.89 11.38 -6.72
C SER A 159 -13.14 11.78 -5.27
N VAL A 160 -12.41 11.22 -4.31
CA VAL A 160 -12.64 11.57 -2.92
C VAL A 160 -11.36 12.02 -2.23
N PHE A 161 -10.23 11.34 -2.49
CA PHE A 161 -9.04 11.64 -1.70
C PHE A 161 -8.42 12.99 -2.04
N PRO A 162 -8.19 13.34 -3.31
CA PRO A 162 -7.60 14.66 -3.59
C PRO A 162 -8.42 15.81 -3.02
N ASP A 163 -9.75 15.73 -3.11
CA ASP A 163 -10.59 16.76 -2.51
C ASP A 163 -10.48 16.76 -0.99
N ALA A 164 -10.39 15.58 -0.38
CA ALA A 164 -10.22 15.52 1.07
C ALA A 164 -8.86 16.04 1.50
N MET A 165 -7.85 15.99 0.62
CA MET A 165 -6.55 16.58 0.91
C MET A 165 -6.57 18.10 0.83
N GLY A 166 -7.54 18.66 0.12
CA GLY A 166 -7.53 20.07 -0.19
C GLY A 166 -6.74 20.45 -1.42
N LEU A 167 -6.54 19.53 -2.35
CA LEU A 167 -5.78 19.83 -3.57
C LEU A 167 -6.67 20.55 -4.58
N LYS A 168 -6.09 21.53 -5.27
CA LYS A 168 -6.81 22.15 -6.37
C LYS A 168 -7.06 21.12 -7.48
N GLN A 169 -7.88 21.51 -8.45
CA GLN A 169 -8.21 20.63 -9.56
C GLN A 169 -7.08 20.50 -10.57
N GLU A 170 -6.35 21.58 -10.82
CA GLU A 170 -5.28 21.56 -11.83
C GLU A 170 -4.12 20.69 -11.38
N GLY A 171 -3.62 19.87 -12.31
CA GLY A 171 -2.42 19.09 -12.07
C GLY A 171 -2.63 17.74 -11.42
N ARG A 172 -3.87 17.33 -11.19
CA ARG A 172 -4.14 16.06 -10.50
C ARG A 172 -3.67 14.86 -11.31
N GLU A 173 -3.47 15.02 -12.62
CA GLU A 173 -2.93 13.94 -13.45
C GLU A 173 -1.51 13.55 -13.06
N HIS A 174 -0.83 14.35 -12.24
CA HIS A 174 0.50 14.01 -11.74
C HIS A 174 0.47 13.04 -10.57
N LEU A 175 -0.69 12.86 -9.92
CA LEU A 175 -0.73 12.13 -8.66
C LEU A 175 -0.43 10.65 -8.88
N LEU A 176 -1.07 10.02 -9.86
CA LEU A 176 -0.82 8.61 -10.13
C LEU A 176 0.61 8.33 -10.60
N PRO A 177 1.19 9.09 -11.53
CA PRO A 177 2.59 8.83 -11.89
C PRO A 177 3.56 9.06 -10.75
N TYR A 178 3.29 10.02 -9.87
CA TYR A 178 4.19 10.23 -8.73
C TYR A 178 4.09 9.06 -7.76
N ALA A 179 2.89 8.54 -7.53
CA ALA A 179 2.73 7.37 -6.66
C ALA A 179 3.49 6.16 -7.22
N GLY A 180 3.35 5.89 -8.52
CA GLY A 180 4.06 4.77 -9.10
C GLY A 180 5.55 4.95 -9.11
N LEU A 181 6.00 6.20 -9.21
CA LEU A 181 7.43 6.47 -9.14
C LEU A 181 7.97 6.17 -7.74
N VAL A 182 7.28 6.65 -6.70
CA VAL A 182 7.75 6.47 -5.32
C VAL A 182 7.98 4.99 -5.02
N PHE A 183 7.01 4.14 -5.38
CA PHE A 183 7.13 2.73 -5.05
C PHE A 183 8.09 2.00 -5.97
N ASN A 184 8.20 2.44 -7.21
CA ASN A 184 9.26 1.91 -8.07
C ASN A 184 10.65 2.26 -7.55
N ALA A 185 10.80 3.43 -6.91
CA ALA A 185 12.10 3.87 -6.43
C ALA A 185 12.56 3.07 -5.20
N PHE A 186 11.66 2.35 -4.53
CA PHE A 186 12.07 1.44 -3.46
C PHE A 186 12.79 0.21 -3.98
N GLY A 187 12.73 -0.07 -5.28
CA GLY A 187 13.32 -1.27 -5.83
C GLY A 187 14.79 -1.12 -6.14
N PRO A 188 15.38 -2.17 -6.72
CA PRO A 188 16.77 -2.11 -7.17
C PRO A 188 16.90 -1.21 -8.38
N PRO A 189 18.12 -0.85 -8.78
CA PRO A 189 18.27 0.01 -9.96
C PRO A 189 18.06 -0.74 -11.27
N ASN A 190 16.89 -1.38 -11.41
CA ASN A 190 16.54 -2.06 -12.65
C ASN A 190 15.85 -1.06 -13.59
N GLU A 191 15.37 -1.54 -14.73
CA GLU A 191 14.76 -0.66 -15.72
C GLU A 191 13.52 0.03 -15.18
N LEU A 192 12.71 -0.69 -14.40
CA LEU A 192 11.50 -0.10 -13.83
C LEU A 192 11.83 1.12 -12.98
N ARG A 193 12.88 1.02 -12.16
CA ARG A 193 13.23 2.13 -11.29
C ARG A 193 13.87 3.27 -12.07
N GLN A 194 14.83 2.94 -12.93
CA GLN A 194 15.58 3.99 -13.60
C GLN A 194 14.72 4.75 -14.61
N THR A 195 13.79 4.07 -15.28
CA THR A 195 12.92 4.78 -16.20
C THR A 195 11.91 5.65 -15.45
N ALA A 196 11.50 5.23 -14.24
CA ALA A 196 10.61 6.06 -13.45
C ALA A 196 11.30 7.36 -13.01
N ILE A 197 12.55 7.25 -12.57
CA ILE A 197 13.27 8.45 -12.13
C ILE A 197 13.57 9.37 -13.30
N GLU A 198 13.85 8.80 -14.48
CA GLU A 198 14.11 9.61 -15.67
C GLU A 198 12.94 10.56 -15.98
N ARG A 199 11.71 10.11 -15.76
CA ARG A 199 10.55 10.91 -16.12
C ARG A 199 9.95 11.66 -14.94
N SER A 200 10.69 11.78 -13.83
CA SER A 200 10.09 12.20 -12.57
C SER A 200 10.00 13.70 -12.39
N ALA A 201 10.80 14.50 -13.10
CA ALA A 201 10.89 15.93 -12.80
C ALA A 201 9.56 16.66 -12.81
N PRO A 202 8.66 16.46 -13.79
CA PRO A 202 7.38 17.21 -13.73
C PRO A 202 6.52 16.83 -12.54
N HIS A 203 6.49 15.55 -12.16
CA HIS A 203 5.64 15.12 -11.06
C HIS A 203 6.19 15.59 -9.71
N GLN A 204 7.51 15.57 -9.55
CA GLN A 204 8.13 16.09 -8.34
C GLN A 204 7.80 17.57 -8.16
N ALA A 205 7.89 18.35 -9.23
CA ALA A 205 7.63 19.78 -9.13
C ALA A 205 6.18 20.07 -8.77
N TYR A 206 5.24 19.32 -9.35
CA TYR A 206 3.85 19.52 -8.98
C TYR A 206 3.62 19.18 -7.51
N VAL A 207 4.13 18.04 -7.06
CA VAL A 207 3.84 17.55 -5.71
C VAL A 207 4.43 18.49 -4.67
N ASN A 208 5.69 18.89 -4.87
CA ASN A 208 6.34 19.76 -3.90
C ASN A 208 5.61 21.09 -3.79
N GLU A 209 5.16 21.65 -4.92
CA GLU A 209 4.45 22.93 -4.87
C GLU A 209 3.15 22.82 -4.07
N GLN A 210 2.37 21.75 -4.27
CA GLN A 210 1.10 21.63 -3.56
C GLN A 210 1.28 21.39 -2.07
N CYS A 211 2.50 21.13 -1.60
CA CYS A 211 2.71 20.91 -0.18
C CYS A 211 2.75 22.22 0.60
N GLN A 212 2.88 23.36 -0.08
CA GLN A 212 2.94 24.64 0.62
C GLN A 212 1.56 25.03 1.12
N ARG A 213 1.54 25.58 2.34
CA ARG A 213 0.28 25.93 3.01
C ARG A 213 -0.70 26.75 2.17
N PRO A 214 -0.29 27.75 1.37
CA PRO A 214 -1.29 28.49 0.60
C PRO A 214 -2.03 27.66 -0.44
N ASN A 215 -1.48 26.53 -0.87
CA ASN A 215 -2.07 25.74 -1.94
C ASN A 215 -2.98 24.62 -1.43
N LEU A 216 -3.28 24.60 -0.13
CA LEU A 216 -4.08 23.54 0.47
C LEU A 216 -5.36 24.13 1.06
N ALA A 217 -6.50 23.70 0.51
CA ALA A 217 -7.78 24.28 0.88
C ALA A 217 -8.08 24.05 2.35
N PRO A 218 -8.71 25.01 3.04
CA PRO A 218 -8.93 24.85 4.48
C PRO A 218 -9.86 23.69 4.77
N GLY A 219 -9.70 23.11 5.95
CA GLY A 219 -10.46 21.94 6.34
C GLY A 219 -9.92 20.62 5.83
N GLY A 220 -9.01 20.63 4.85
CA GLY A 220 -8.48 19.40 4.30
C GLY A 220 -7.31 18.86 5.09
N PHE A 221 -6.83 17.69 4.66
CA PHE A 221 -5.75 17.01 5.37
C PHE A 221 -4.48 17.86 5.37
N GLY A 222 -4.12 18.41 4.20
CA GLY A 222 -2.91 19.21 4.11
C GLY A 222 -2.94 20.44 4.99
N ALA A 223 -4.07 21.17 4.99
CA ALA A 223 -4.19 22.34 5.85
C ALA A 223 -4.18 21.97 7.32
N CYS A 224 -4.72 20.80 7.66
CA CYS A 224 -4.70 20.33 9.04
CA CYS A 224 -4.71 20.34 9.04
C CYS A 224 -3.29 19.99 9.50
N ILE A 225 -2.45 19.53 8.58
CA ILE A 225 -1.06 19.26 8.95
C ILE A 225 -0.34 20.56 9.25
N HIS A 226 -0.54 21.60 8.42
CA HIS A 226 0.09 22.89 8.69
C HIS A 226 -0.40 23.50 9.99
N ALA A 227 -1.65 23.23 10.37
CA ALA A 227 -2.19 23.76 11.62
C ALA A 227 -1.56 23.13 12.85
N PHE A 228 -0.91 21.98 12.71
CA PHE A 228 -0.24 21.35 13.83
C PHE A 228 1.13 21.96 14.11
N THR A 229 1.59 22.89 13.28
CA THR A 229 2.86 23.55 13.54
C THR A 229 2.83 24.47 14.76
N ASP A 230 1.63 24.89 15.20
CA ASP A 230 1.49 25.76 16.36
C ASP A 230 1.69 25.02 17.68
N THR A 231 1.65 23.69 17.67
CA THR A 231 1.57 22.89 18.89
C THR A 231 2.93 22.53 19.46
N GLY A 232 3.98 22.57 18.65
CA GLY A 232 5.27 22.09 19.07
C GLY A 232 5.57 20.66 18.68
N GLU A 233 4.67 19.99 17.97
CA GLU A 233 4.93 18.64 17.50
C GLU A 233 5.72 18.66 16.19
N ILE A 234 5.41 19.59 15.29
CA ILE A 234 6.22 19.82 14.10
C ILE A 234 6.44 21.32 13.95
N THR A 235 7.53 21.70 13.27
CA THR A 235 7.79 23.08 12.92
C THR A 235 7.22 23.40 11.54
N PRO A 236 6.99 24.69 11.24
CA PRO A 236 6.48 25.05 9.91
C PRO A 236 7.32 24.51 8.76
N ASP A 237 8.65 24.47 8.88
CA ASP A 237 9.45 23.94 7.78
C ASP A 237 9.30 22.43 7.64
N GLU A 238 8.78 21.74 8.65
CA GLU A 238 8.51 20.30 8.57
C GLU A 238 7.20 19.98 7.88
N ALA A 239 6.25 20.90 7.86
CA ALA A 239 4.92 20.61 7.32
C ALA A 239 4.93 20.20 5.86
N PRO A 240 5.60 20.90 4.93
CA PRO A 240 5.51 20.48 3.52
C PRO A 240 5.91 19.02 3.29
N LEU A 241 7.01 18.57 3.89
CA LEU A 241 7.42 17.18 3.72
C LEU A 241 6.38 16.23 4.30
N LEU A 242 5.75 16.59 5.41
CA LEU A 242 4.70 15.74 5.98
C LEU A 242 3.49 15.66 5.06
N VAL A 243 3.12 16.80 4.45
CA VAL A 243 2.07 16.78 3.43
C VAL A 243 2.49 15.90 2.27
N ARG A 244 3.77 15.94 1.91
CA ARG A 244 4.28 15.13 0.81
C ARG A 244 4.01 13.65 1.02
N SER A 245 4.02 13.20 2.29
CA SER A 245 3.76 11.80 2.59
C SER A 245 2.38 11.38 2.12
N LEU A 246 1.39 12.26 2.28
CA LEU A 246 0.02 11.95 1.90
C LEU A 246 -0.23 12.12 0.40
N LEU A 247 0.76 12.62 -0.34
CA LEU A 247 0.72 12.64 -1.80
C LEU A 247 1.61 11.56 -2.41
N SER A 248 2.34 10.83 -1.57
CA SER A 248 3.16 9.70 -2.02
C SER A 248 2.48 8.36 -1.74
N ALA A 249 2.07 8.13 -0.50
CA ALA A 249 1.41 6.92 -0.09
C ALA A 249 -0.11 7.10 -0.15
N GLY A 250 -0.82 5.96 -0.17
CA GLY A 250 -2.26 6.01 -0.06
C GLY A 250 -3.00 5.77 -1.37
N LEU A 251 -2.56 6.44 -2.44
CA LEU A 251 -3.28 6.36 -3.71
C LEU A 251 -3.19 4.98 -4.34
N ASP A 252 -1.99 4.58 -4.78
CA ASP A 252 -1.86 3.35 -5.55
C ASP A 252 -2.19 2.11 -4.72
N GLU A 253 -1.85 2.12 -3.43
CA GLU A 253 -2.17 0.99 -2.57
C GLU A 253 -3.68 0.78 -2.48
N THR A 254 -4.43 1.86 -2.28
CA THR A 254 -5.87 1.76 -2.18
C THR A 254 -6.49 1.34 -3.52
N VAL A 255 -6.04 1.95 -4.61
CA VAL A 255 -6.46 1.52 -5.95
C VAL A 255 -6.23 0.02 -6.12
N ASN A 256 -5.01 -0.44 -5.85
CA ASN A 256 -4.70 -1.86 -6.03
C ASN A 256 -5.53 -2.73 -5.10
N GLY A 257 -5.72 -2.30 -3.85
CA GLY A 257 -6.53 -3.07 -2.92
C GLY A 257 -7.98 -3.15 -3.36
N ILE A 258 -8.55 -2.03 -3.81
CA ILE A 258 -9.92 -2.04 -4.32
C ILE A 258 -10.01 -2.91 -5.56
N GLY A 259 -9.05 -2.77 -6.48
CA GLY A 259 -9.07 -3.59 -7.68
C GLY A 259 -8.95 -5.07 -7.39
N ALA A 260 -8.18 -5.43 -6.35
CA ALA A 260 -8.05 -6.84 -6.00
C ALA A 260 -9.35 -7.37 -5.41
N ALA A 261 -10.06 -6.55 -4.62
CA ALA A 261 -11.33 -7.00 -4.05
C ALA A 261 -12.36 -7.26 -5.13
N VAL A 262 -12.41 -6.41 -6.15
CA VAL A 262 -13.32 -6.66 -7.27
C VAL A 262 -12.91 -7.93 -7.99
N TYR A 263 -11.61 -8.11 -8.24
CA TYR A 263 -11.13 -9.32 -8.90
C TYR A 263 -11.50 -10.55 -8.08
N CYS A 264 -11.32 -10.50 -6.76
CA CYS A 264 -11.70 -11.61 -5.90
C CYS A 264 -13.20 -11.88 -5.96
N LEU A 265 -14.02 -10.83 -5.87
CA LEU A 265 -15.46 -11.01 -5.94
C LEU A 265 -15.88 -11.63 -7.27
N ALA A 266 -15.11 -11.39 -8.34
CA ALA A 266 -15.42 -11.99 -9.62
C ALA A 266 -14.92 -13.43 -9.71
N ARG A 267 -13.73 -13.72 -9.16
CA ARG A 267 -13.19 -15.06 -9.20
C ARG A 267 -13.87 -16.00 -8.21
N PHE A 268 -14.37 -15.46 -7.10
CA PHE A 268 -15.05 -16.24 -6.05
C PHE A 268 -16.49 -15.77 -5.97
N PRO A 269 -17.36 -16.21 -6.89
CA PRO A 269 -18.75 -15.74 -6.86
C PRO A 269 -19.48 -16.11 -5.58
N GLY A 270 -19.09 -17.19 -4.91
CA GLY A 270 -19.71 -17.52 -3.64
C GLY A 270 -19.51 -16.46 -2.58
N GLU A 271 -18.38 -15.75 -2.64
CA GLU A 271 -18.10 -14.71 -1.65
C GLU A 271 -18.88 -13.42 -1.94
N LEU A 272 -19.10 -13.10 -3.22
CA LEU A 272 -19.98 -11.97 -3.54
C LEU A 272 -21.40 -12.23 -3.06
N GLN A 273 -21.88 -13.46 -3.21
CA GLN A 273 -23.23 -13.78 -2.76
CA GLN A 273 -23.23 -13.79 -2.75
C GLN A 273 -23.35 -13.67 -1.24
N ARG A 274 -22.30 -14.06 -0.50
CA ARG A 274 -22.34 -13.84 0.94
C ARG A 274 -22.29 -12.35 1.27
N LEU A 275 -21.50 -11.58 0.53
CA LEU A 275 -21.41 -10.15 0.80
C LEU A 275 -22.72 -9.45 0.51
N ARG A 276 -23.39 -9.85 -0.58
CA ARG A 276 -24.71 -9.31 -0.89
C ARG A 276 -25.72 -9.62 0.21
N SER A 277 -25.65 -10.82 0.79
CA SER A 277 -26.64 -11.18 1.80
C SER A 277 -26.37 -10.48 3.14
N ASP A 278 -25.13 -10.05 3.37
CA ASP A 278 -24.80 -9.30 4.59
C ASP A 278 -23.81 -8.21 4.22
N PRO A 279 -24.30 -7.04 3.80
CA PRO A 279 -23.39 -5.96 3.39
C PRO A 279 -22.50 -5.44 4.51
N THR A 280 -22.83 -5.73 5.78
CA THR A 280 -21.96 -5.33 6.87
C THR A 280 -20.63 -6.08 6.89
N LEU A 281 -20.48 -7.11 6.05
CA LEU A 281 -19.19 -7.77 5.87
C LEU A 281 -18.26 -6.99 4.95
N ALA A 282 -18.67 -5.81 4.49
CA ALA A 282 -17.90 -5.06 3.49
C ALA A 282 -16.50 -4.72 4.01
N ARG A 283 -16.42 -4.31 5.27
CA ARG A 283 -15.13 -3.91 5.83
C ARG A 283 -14.17 -5.09 5.88
N ASN A 284 -14.66 -6.24 6.37
CA ASN A 284 -13.78 -7.40 6.44
C ASN A 284 -13.48 -7.98 5.06
N ALA A 285 -14.43 -7.82 4.12
CA ALA A 285 -14.17 -8.23 2.75
C ALA A 285 -13.00 -7.45 2.16
N PHE A 286 -12.93 -6.14 2.43
CA PHE A 286 -11.78 -5.36 1.96
C PHE A 286 -10.51 -5.74 2.71
N GLU A 287 -10.60 -5.93 4.03
CA GLU A 287 -9.44 -6.30 4.82
C GLU A 287 -8.88 -7.64 4.33
N GLU A 288 -9.75 -8.61 4.03
CA GLU A 288 -9.30 -9.89 3.50
C GLU A 288 -8.70 -9.73 2.11
N ALA A 289 -9.18 -8.76 1.33
CA ALA A 289 -8.54 -8.48 0.04
C ALA A 289 -7.16 -7.89 0.23
N VAL A 290 -6.96 -7.07 1.28
CA VAL A 290 -5.62 -6.54 1.55
C VAL A 290 -4.67 -7.68 1.95
N ARG A 291 -5.16 -8.67 2.69
CA ARG A 291 -4.32 -9.81 3.02
C ARG A 291 -4.06 -10.66 1.78
N PHE A 292 -5.10 -10.94 1.00
CA PHE A 292 -5.02 -11.84 -0.15
C PHE A 292 -4.10 -11.28 -1.23
N GLU A 293 -4.20 -9.97 -1.49
CA GLU A 293 -3.41 -9.32 -2.53
C GLU A 293 -2.13 -8.69 -2.00
N SER A 294 -2.21 -8.08 -0.82
CA SER A 294 -1.10 -7.31 -0.27
C SER A 294 -0.61 -6.32 -1.31
N PRO A 295 -1.32 -5.20 -1.50
CA PRO A 295 -0.87 -4.21 -2.48
C PRO A 295 0.58 -3.80 -2.29
N VAL A 296 1.07 -3.74 -1.06
CA VAL A 296 2.49 -3.52 -0.80
C VAL A 296 3.13 -4.89 -0.57
N GLN A 297 3.89 -5.35 -1.58
CA GLN A 297 4.43 -6.71 -1.55
C GLN A 297 5.67 -6.83 -0.67
N THR A 298 6.55 -5.83 -0.72
CA THR A 298 7.87 -5.93 -0.10
C THR A 298 8.35 -4.52 0.28
N PHE A 299 9.21 -4.48 1.30
CA PHE A 299 10.14 -3.36 1.49
C PHE A 299 11.25 -3.82 2.42
N PHE A 300 12.22 -2.95 2.65
CA PHE A 300 13.46 -3.32 3.30
C PHE A 300 13.56 -2.72 4.71
N ARG A 301 14.44 -3.33 5.50
CA ARG A 301 15.01 -2.73 6.69
C ARG A 301 16.52 -2.86 6.59
N THR A 302 17.24 -2.13 7.44
CA THR A 302 18.70 -2.18 7.50
C THR A 302 19.14 -2.51 8.92
N THR A 303 20.01 -3.50 9.09
CA THR A 303 20.45 -3.89 10.43
C THR A 303 21.40 -2.83 10.99
N THR A 304 21.19 -2.48 12.26
CA THR A 304 22.07 -1.54 12.96
C THR A 304 23.12 -2.25 13.79
N ARG A 305 23.08 -3.58 13.84
CA ARG A 305 24.04 -4.37 14.60
C ARG A 305 23.99 -5.79 14.07
N GLU A 306 24.93 -6.60 14.54
CA GLU A 306 24.84 -8.04 14.31
C GLU A 306 23.65 -8.58 15.09
N VAL A 307 22.84 -9.40 14.43
CA VAL A 307 21.60 -9.90 15.01
C VAL A 307 21.40 -11.36 14.61
N GLU A 308 20.86 -12.16 15.54
CA GLU A 308 20.43 -13.51 15.24
C GLU A 308 18.93 -13.49 14.94
N LEU A 309 18.56 -13.89 13.73
CA LEU A 309 17.16 -13.92 13.31
C LEU A 309 16.88 -15.32 12.75
N GLY A 310 16.05 -16.09 13.44
CA GLY A 310 15.74 -17.44 13.04
C GLY A 310 16.97 -18.32 12.84
N GLY A 311 17.87 -18.32 13.82
CA GLY A 311 19.07 -19.13 13.73
C GLY A 311 20.09 -18.66 12.72
N ALA A 312 20.01 -17.41 12.30
CA ALA A 312 20.90 -16.85 11.28
C ALA A 312 21.59 -15.62 11.85
N VAL A 313 22.90 -15.52 11.63
CA VAL A 313 23.68 -14.37 12.07
C VAL A 313 23.74 -13.39 10.91
N ILE A 314 23.15 -12.21 11.09
CA ILE A 314 23.15 -11.15 10.08
C ILE A 314 24.03 -10.01 10.58
N GLY A 315 24.98 -9.60 9.74
CA GLY A 315 25.90 -8.56 10.13
C GLY A 315 25.28 -7.18 10.16
N GLU A 316 26.05 -6.21 10.65
CA GLU A 316 25.60 -4.84 10.70
C GLU A 316 25.53 -4.24 9.30
N GLY A 317 24.62 -3.28 9.13
CA GLY A 317 24.55 -2.54 7.88
C GLY A 317 24.14 -3.38 6.69
N GLU A 318 23.36 -4.44 6.90
CA GLU A 318 22.87 -5.29 5.83
C GLU A 318 21.40 -5.00 5.55
N LYS A 319 21.02 -5.07 4.28
CA LYS A 319 19.63 -4.88 3.90
C LYS A 319 18.85 -6.18 4.07
N VAL A 320 17.65 -6.06 4.62
CA VAL A 320 16.78 -7.20 4.87
C VAL A 320 15.47 -6.96 4.12
N LEU A 321 15.14 -7.86 3.20
CA LEU A 321 13.95 -7.74 2.37
C LEU A 321 12.80 -8.52 3.00
N MET A 322 11.71 -7.84 3.30
CA MET A 322 10.52 -8.45 3.88
C MET A 322 9.48 -8.70 2.79
N PHE A 323 8.98 -9.93 2.74
CA PHE A 323 7.93 -10.31 1.78
C PHE A 323 6.59 -10.29 2.51
N LEU A 324 5.94 -9.13 2.48
CA LEU A 324 4.65 -8.96 3.15
C LEU A 324 3.59 -9.90 2.57
N GLY A 325 3.49 -9.94 1.24
CA GLY A 325 2.48 -10.79 0.62
C GLY A 325 2.68 -12.25 0.92
N SER A 326 3.93 -12.70 0.93
CA SER A 326 4.26 -14.07 1.31
C SER A 326 3.87 -14.36 2.76
N ALA A 327 4.22 -13.44 3.67
CA ALA A 327 3.85 -13.62 5.07
C ALA A 327 2.33 -13.69 5.24
N ASN A 328 1.57 -13.00 4.38
CA ASN A 328 0.11 -13.06 4.43
C ASN A 328 -0.46 -14.33 3.81
N ARG A 329 0.39 -15.18 3.22
CA ARG A 329 -0.03 -16.44 2.65
C ARG A 329 0.74 -17.63 3.21
N ASP A 330 1.48 -17.43 4.28
CA ASP A 330 2.28 -18.45 4.92
C ASP A 330 1.38 -19.49 5.59
N PRO A 331 1.34 -20.74 5.11
CA PRO A 331 0.48 -21.75 5.75
C PRO A 331 0.85 -22.04 7.19
N ARG A 332 2.03 -21.61 7.65
CA ARG A 332 2.38 -21.73 9.06
C ARG A 332 1.58 -20.78 9.94
N ARG A 333 0.89 -19.81 9.35
CA ARG A 333 0.08 -18.85 10.09
C ARG A 333 -1.38 -18.86 9.70
N TRP A 334 -1.69 -19.11 8.43
CA TRP A 334 -3.04 -18.98 7.91
C TRP A 334 -3.55 -20.33 7.43
N SER A 335 -4.81 -20.62 7.75
CA SER A 335 -5.49 -21.80 7.23
C SER A 335 -6.07 -21.47 5.86
N ASP A 336 -5.76 -22.30 4.87
CA ASP A 336 -6.15 -22.06 3.49
C ASP A 336 -5.80 -20.65 3.03
N PRO A 337 -4.52 -20.27 3.06
CA PRO A 337 -4.15 -18.88 2.77
C PRO A 337 -4.44 -18.47 1.33
N ASP A 338 -4.47 -19.41 0.38
CA ASP A 338 -4.74 -19.09 -1.01
C ASP A 338 -6.23 -18.88 -1.30
N LEU A 339 -7.09 -18.91 -0.29
CA LEU A 339 -8.52 -18.72 -0.49
C LEU A 339 -8.96 -17.34 0.01
N TYR A 340 -9.86 -16.72 -0.74
CA TYR A 340 -10.47 -15.44 -0.36
C TYR A 340 -11.71 -15.74 0.48
N ASP A 341 -11.68 -15.38 1.76
CA ASP A 341 -12.75 -15.68 2.70
C ASP A 341 -13.13 -14.41 3.45
N ILE A 342 -14.28 -13.83 3.10
CA ILE A 342 -14.67 -12.53 3.66
C ILE A 342 -15.07 -12.61 5.12
N THR A 343 -15.21 -13.80 5.68
CA THR A 343 -15.44 -13.95 7.11
C THR A 343 -14.18 -14.41 7.86
N ARG A 344 -13.03 -14.39 7.20
CA ARG A 344 -11.79 -14.82 7.86
C ARG A 344 -11.40 -13.84 8.96
N LYS A 345 -10.88 -14.39 10.06
CA LYS A 345 -10.30 -13.54 11.10
C LYS A 345 -8.98 -12.98 10.57
N THR A 346 -9.02 -11.75 10.08
CA THR A 346 -7.87 -11.17 9.41
C THR A 346 -6.91 -10.45 10.35
N SER A 347 -7.25 -10.32 11.63
CA SER A 347 -6.41 -9.56 12.55
C SER A 347 -5.04 -10.22 12.67
N GLY A 348 -3.99 -9.42 12.50
CA GLY A 348 -2.64 -9.92 12.51
C GLY A 348 -1.97 -9.99 11.15
N HIS A 349 -2.70 -9.77 10.06
CA HIS A 349 -2.04 -9.72 8.77
C HIS A 349 -1.11 -8.52 8.70
N VAL A 350 -0.08 -8.63 7.87
CA VAL A 350 0.94 -7.60 7.76
C VAL A 350 0.77 -6.75 6.50
N GLY A 351 -0.43 -6.76 5.90
CA GLY A 351 -0.66 -5.98 4.70
C GLY A 351 -0.52 -4.49 4.93
N PHE A 352 -0.81 -4.03 6.15
CA PHE A 352 -0.56 -2.66 6.56
C PHE A 352 0.72 -2.52 7.38
N GLY A 353 1.59 -3.53 7.37
CA GLY A 353 2.75 -3.51 8.25
C GLY A 353 2.38 -3.89 9.68
N SER A 354 3.26 -3.51 10.61
CA SER A 354 3.10 -3.86 12.02
C SER A 354 4.14 -3.08 12.83
N GLY A 355 3.78 -2.72 14.06
CA GLY A 355 4.68 -1.95 14.90
C GLY A 355 4.55 -0.45 14.76
N VAL A 356 5.65 0.28 15.01
CA VAL A 356 5.57 1.74 15.09
C VAL A 356 5.28 2.38 13.74
N HIS A 357 5.61 1.72 12.63
CA HIS A 357 5.39 2.28 11.31
C HIS A 357 4.10 1.80 10.66
N MET A 358 3.29 1.01 11.37
CA MET A 358 2.08 0.43 10.77
C MET A 358 1.19 1.53 10.21
N CYS A 359 0.78 1.35 8.95
CA CYS A 359 0.18 2.40 8.12
C CYS A 359 -0.67 3.41 8.87
N VAL A 360 -0.21 4.67 8.90
CA VAL A 360 -0.96 5.73 9.57
C VAL A 360 -2.23 6.09 8.82
N GLY A 361 -2.30 5.84 7.50
CA GLY A 361 -3.52 6.10 6.76
C GLY A 361 -4.47 4.91 6.63
N GLN A 362 -4.28 3.87 7.46
CA GLN A 362 -5.08 2.65 7.32
C GLN A 362 -6.56 2.90 7.56
N LEU A 363 -6.91 3.94 8.34
CA LEU A 363 -8.32 4.25 8.53
C LEU A 363 -8.95 4.86 7.28
N VAL A 364 -8.16 5.61 6.51
CA VAL A 364 -8.68 6.17 5.26
C VAL A 364 -8.86 5.06 4.22
N ALA A 365 -7.89 4.15 4.14
CA ALA A 365 -7.94 3.05 3.18
C ALA A 365 -9.11 2.12 3.45
N ARG A 366 -9.34 1.80 4.73
CA ARG A 366 -10.46 0.91 5.07
C ARG A 366 -11.79 1.58 4.80
N LEU A 367 -11.90 2.88 5.07
CA LEU A 367 -13.13 3.60 4.76
C LEU A 367 -13.42 3.57 3.27
N GLU A 368 -12.42 3.93 2.44
CA GLU A 368 -12.60 3.90 0.98
C GLU A 368 -12.98 2.51 0.50
N GLY A 369 -12.27 1.49 0.96
CA GLY A 369 -12.60 0.13 0.56
C GLY A 369 -13.97 -0.30 1.03
N GLU A 370 -14.29 -0.03 2.30
CA GLU A 370 -15.57 -0.47 2.85
C GLU A 370 -16.75 0.13 2.09
N VAL A 371 -16.73 1.45 1.87
CA VAL A 371 -17.90 2.08 1.27
C VAL A 371 -18.06 1.67 -0.18
N MET A 372 -16.95 1.32 -0.86
CA MET A 372 -17.08 0.85 -2.24
C MET A 372 -17.64 -0.57 -2.28
N LEU A 373 -17.12 -1.47 -1.43
CA LEU A 373 -17.66 -2.82 -1.41
C LEU A 373 -19.10 -2.85 -0.91
N SER A 374 -19.47 -1.92 -0.02
CA SER A 374 -20.84 -1.80 0.43
C SER A 374 -21.76 -1.38 -0.71
N ALA A 375 -21.34 -0.38 -1.50
CA ALA A 375 -22.14 0.04 -2.65
C ALA A 375 -22.30 -1.11 -3.63
N LEU A 376 -21.25 -1.89 -3.86
CA LEU A 376 -21.35 -3.07 -4.71
C LEU A 376 -22.29 -4.10 -4.11
N ALA A 377 -22.20 -4.32 -2.79
CA ALA A 377 -23.01 -5.33 -2.13
C ALA A 377 -24.50 -5.03 -2.25
N ARG A 378 -24.86 -3.76 -2.33
CA ARG A 378 -26.26 -3.36 -2.33
C ARG A 378 -26.84 -3.17 -3.73
N LYS A 379 -26.02 -2.91 -4.74
CA LYS A 379 -26.52 -2.56 -6.06
C LYS A 379 -26.18 -3.55 -7.15
N VAL A 380 -25.24 -4.46 -6.92
CA VAL A 380 -24.72 -5.35 -7.97
C VAL A 380 -25.09 -6.78 -7.61
N ALA A 381 -25.57 -7.53 -8.61
CA ALA A 381 -25.89 -8.94 -8.44
C ALA A 381 -24.80 -9.87 -8.95
N ALA A 382 -24.09 -9.50 -10.00
CA ALA A 382 -23.04 -10.35 -10.54
C ALA A 382 -21.92 -9.49 -11.08
N ILE A 383 -20.70 -10.01 -10.99
CA ILE A 383 -19.49 -9.37 -11.54
C ILE A 383 -18.77 -10.43 -12.34
N ASP A 384 -18.77 -10.29 -13.67
CA ASP A 384 -18.26 -11.31 -14.57
C ASP A 384 -17.15 -10.72 -15.44
N ILE A 385 -15.97 -11.34 -15.39
CA ILE A 385 -14.87 -10.92 -16.25
C ILE A 385 -15.22 -11.23 -17.69
N ASP A 386 -15.13 -10.23 -18.57
CA ASP A 386 -15.51 -10.36 -19.96
C ASP A 386 -14.40 -9.87 -20.89
N GLY A 387 -13.15 -10.02 -20.48
CA GLY A 387 -12.04 -9.54 -21.27
C GLY A 387 -10.69 -9.94 -20.70
N PRO A 388 -9.63 -9.69 -21.47
CA PRO A 388 -8.28 -10.04 -21.00
C PRO A 388 -7.87 -9.23 -19.78
N VAL A 389 -7.38 -9.92 -18.76
CA VAL A 389 -6.89 -9.28 -17.55
C VAL A 389 -5.40 -8.98 -17.73
N LYS A 390 -4.99 -7.75 -17.40
CA LYS A 390 -3.62 -7.32 -17.59
C LYS A 390 -3.02 -6.85 -16.26
N ARG A 391 -1.80 -7.29 -15.99
CA ARG A 391 -1.11 -6.97 -14.76
C ARG A 391 -0.38 -5.64 -14.87
N ARG A 392 -0.29 -4.92 -13.75
CA ARG A 392 0.47 -3.68 -13.65
C ARG A 392 1.76 -3.96 -12.88
N PHE A 393 2.90 -3.68 -13.49
CA PHE A 393 4.20 -4.05 -12.92
C PHE A 393 4.80 -2.88 -12.16
N ASN A 394 5.25 -3.15 -10.94
CA ASN A 394 5.86 -2.18 -10.04
C ASN A 394 6.83 -2.93 -9.13
N ASN A 395 7.95 -2.29 -8.79
CA ASN A 395 8.97 -2.96 -7.98
C ASN A 395 8.44 -3.30 -6.59
N THR A 396 7.51 -2.49 -6.08
CA THR A 396 6.98 -2.65 -4.72
C THR A 396 5.50 -3.06 -4.69
N LEU A 397 4.70 -2.62 -5.65
CA LEU A 397 3.25 -2.78 -5.58
C LEU A 397 2.77 -3.94 -6.46
N ARG A 398 1.75 -4.63 -5.98
CA ARG A 398 1.04 -5.63 -6.77
C ARG A 398 -0.38 -5.16 -7.06
N GLY A 399 -0.74 -5.18 -8.33
CA GLY A 399 -2.06 -4.73 -8.73
C GLY A 399 -2.24 -4.95 -10.23
N LEU A 400 -3.47 -4.71 -10.67
CA LEU A 400 -3.87 -4.95 -12.04
C LEU A 400 -3.82 -3.66 -12.85
N GLU A 401 -3.51 -3.81 -14.14
CA GLU A 401 -3.58 -2.74 -15.11
C GLU A 401 -4.97 -2.61 -15.72
N SER A 402 -5.62 -3.74 -16.03
CA SER A 402 -6.94 -3.71 -16.62
C SER A 402 -7.74 -4.93 -16.15
N LEU A 403 -9.01 -4.68 -15.84
CA LEU A 403 -9.92 -5.73 -15.35
C LEU A 403 -11.29 -5.49 -15.97
N PRO A 404 -11.49 -5.93 -17.21
CA PRO A 404 -12.80 -5.76 -17.87
C PRO A 404 -13.83 -6.67 -17.21
N VAL A 405 -14.92 -6.08 -16.73
CA VAL A 405 -15.96 -6.83 -16.04
C VAL A 405 -17.32 -6.36 -16.53
N LYS A 406 -18.29 -7.28 -16.49
CA LYS A 406 -19.70 -6.95 -16.68
C LYS A 406 -20.36 -6.80 -15.32
N LEU A 407 -21.06 -5.69 -15.11
CA LEU A 407 -21.78 -5.43 -13.86
C LEU A 407 -23.26 -5.66 -14.09
N THR A 408 -23.81 -6.69 -13.43
CA THR A 408 -25.23 -6.98 -13.52
C THR A 408 -25.97 -6.31 -12.37
N PRO A 409 -26.93 -5.42 -12.64
CA PRO A 409 -27.64 -4.75 -11.55
C PRO A 409 -28.43 -5.74 -10.69
N ALA A 410 -28.52 -5.44 -9.41
CA ALA A 410 -29.30 -6.23 -8.47
C ALA A 410 -30.77 -5.88 -8.56
#